data_3QYE
#
_entry.id   3QYE
#
_cell.length_a   117.360
_cell.length_b   117.360
_cell.length_c   141.270
_cell.angle_alpha   90.00
_cell.angle_beta   90.00
_cell.angle_gamma   90.00
#
_symmetry.space_group_name_H-M   'P 43 21 2'
#
loop_
_entity.id
_entity.type
_entity.pdbx_description
1 polymer 'TBC1 domain family member 1'
2 water water
#
_entity_poly.entity_id   1
_entity_poly.type   'polypeptide(L)'
_entity_poly.pdbx_seq_one_letter_code
;GSHMASENDLLNKRLKLDYEEITPCLKEVTTVWEKMLSTPGRSKIKFDMEKMHSAVGQGVPRHHRGEIWKFLAEQFHLKH
QFPSKQQPKDVPYKELLKQLTSQQHAILIDLGRTFPTHPYFSAQLGAGQLSLYNILKAYSLLDQEVGYCQGLSFVAGILL
LHMSEEEAFKMLKFLMFDMGLRKQYRPDMIILQIQMYQLSRLLHDYHRDLYNHLEEHEIGPSLYAAPWFLTMFASQFPLG
FVARVFDMIFLQGTEVIFKVALSLLGSHKPLILQHENLETIVDFIKSTLPNLGLVQMEKTINQVFEMDIAKQLQAYEVEY
HVLQEELIDSS
;
_entity_poly.pdbx_strand_id   A,B
#
# COMPACT_ATOMS: atom_id res chain seq x y z
N ASP A 9 39.44 16.84 -14.18
CA ASP A 9 38.83 16.37 -15.46
C ASP A 9 38.54 14.84 -15.39
N LEU A 10 39.14 13.91 -16.14
CA LEU A 10 38.72 12.53 -15.84
C LEU A 10 39.37 12.06 -14.55
N LEU A 11 40.09 12.96 -13.87
CA LEU A 11 40.73 12.63 -12.60
C LEU A 11 39.66 12.86 -11.55
N ASN A 12 38.64 13.65 -11.90
CA ASN A 12 37.54 13.93 -10.98
C ASN A 12 36.80 12.64 -10.67
N LYS A 13 36.61 11.81 -11.69
CA LYS A 13 35.93 10.52 -11.49
C LYS A 13 36.84 9.69 -10.60
N ARG A 14 38.15 9.82 -10.83
CA ARG A 14 39.15 9.10 -10.05
C ARG A 14 39.10 9.62 -8.60
N LEU A 15 39.11 10.92 -8.49
CA LEU A 15 39.06 11.60 -7.19
C LEU A 15 37.80 11.14 -6.43
N LYS A 16 36.66 11.19 -7.10
CA LYS A 16 35.37 10.80 -6.53
C LYS A 16 35.27 9.33 -6.12
N LEU A 17 35.65 8.44 -7.01
CA LEU A 17 35.54 7.01 -6.76
C LEU A 17 36.62 6.37 -5.91
N ASP A 18 37.37 7.18 -5.17
CA ASP A 18 38.43 6.62 -4.35
C ASP A 18 37.93 6.18 -2.97
N TYR A 19 37.38 4.98 -2.90
CA TYR A 19 36.89 4.39 -1.66
C TYR A 19 36.92 2.87 -1.74
N GLU A 20 37.15 2.23 -0.60
CA GLU A 20 37.22 0.77 -0.54
C GLU A 20 35.91 0.04 -0.77
N GLU A 21 35.95 -0.98 -1.61
CA GLU A 21 34.77 -1.81 -1.91
C GLU A 21 34.72 -2.93 -0.89
N ILE A 22 33.52 -3.42 -0.61
CA ILE A 22 33.36 -4.49 0.37
C ILE A 22 33.82 -5.80 -0.27
N THR A 23 33.50 -5.95 -1.55
CA THR A 23 33.86 -7.11 -2.34
C THR A 23 34.01 -6.62 -3.77
N PRO A 24 35.25 -6.53 -4.26
CA PRO A 24 35.45 -6.06 -5.64
C PRO A 24 34.67 -6.92 -6.63
N CYS A 25 33.86 -6.28 -7.47
CA CYS A 25 33.09 -7.00 -8.47
C CYS A 25 34.08 -7.51 -9.52
N LEU A 26 33.94 -8.78 -9.87
CA LEU A 26 34.84 -9.42 -10.82
C LEU A 26 34.51 -9.33 -12.31
N LYS A 27 35.52 -9.65 -13.10
CA LYS A 27 35.49 -9.64 -14.55
C LYS A 27 34.12 -9.85 -15.21
N GLU A 28 33.58 -11.05 -15.04
CA GLU A 28 32.31 -11.45 -15.64
C GLU A 28 31.07 -10.57 -15.46
N VAL A 29 30.72 -10.17 -14.25
CA VAL A 29 29.54 -9.35 -14.09
C VAL A 29 29.73 -7.94 -14.64
N THR A 30 30.97 -7.51 -14.77
CA THR A 30 31.24 -6.19 -15.34
C THR A 30 30.75 -6.35 -16.78
N THR A 31 31.04 -7.51 -17.35
CA THR A 31 30.65 -7.87 -18.70
C THR A 31 29.14 -7.78 -18.90
N VAL A 32 28.37 -8.43 -18.03
CA VAL A 32 26.93 -8.42 -18.13
C VAL A 32 26.32 -7.03 -18.04
N TRP A 33 26.90 -6.16 -17.21
CA TRP A 33 26.36 -4.81 -17.09
C TRP A 33 26.59 -4.02 -18.37
N GLU A 34 27.81 -4.09 -18.90
CA GLU A 34 28.17 -3.37 -20.12
C GLU A 34 27.21 -3.68 -21.25
N LYS A 35 26.73 -4.91 -21.31
CA LYS A 35 25.81 -5.32 -22.35
C LYS A 35 24.44 -4.68 -22.16
N MET A 36 23.95 -4.64 -20.93
CA MET A 36 22.66 -4.02 -20.66
C MET A 36 22.76 -2.52 -20.88
N LEU A 37 23.88 -1.93 -20.44
CA LEU A 37 24.09 -0.49 -20.58
C LEU A 37 24.25 -0.05 -22.04
N SER A 38 24.89 -0.88 -22.85
CA SER A 38 25.12 -0.58 -24.27
C SER A 38 23.91 -0.75 -25.19
N THR A 39 22.82 -1.28 -24.64
CA THR A 39 21.61 -1.51 -25.42
C THR A 39 21.06 -0.23 -26.05
N PRO A 40 20.85 -0.24 -27.39
CA PRO A 40 20.32 0.92 -28.10
C PRO A 40 18.88 1.17 -27.66
N GLY A 41 18.54 2.44 -27.43
CA GLY A 41 17.20 2.77 -26.99
C GLY A 41 16.90 2.16 -25.64
N ARG A 42 17.95 2.01 -24.84
CA ARG A 42 17.87 1.44 -23.50
C ARG A 42 16.69 1.91 -22.66
N SER A 43 16.56 3.23 -22.53
CA SER A 43 15.49 3.84 -21.74
C SER A 43 14.05 3.43 -22.08
N LYS A 44 13.83 2.92 -23.28
CA LYS A 44 12.49 2.54 -23.69
C LYS A 44 12.25 1.04 -23.54
N ILE A 45 13.29 0.31 -23.19
CA ILE A 45 13.21 -1.15 -23.05
C ILE A 45 13.17 -1.69 -21.62
N LYS A 46 12.17 -2.52 -21.34
CA LYS A 46 12.04 -3.14 -20.03
C LYS A 46 12.91 -4.39 -19.98
N PHE A 47 13.76 -4.50 -18.96
CA PHE A 47 14.61 -5.66 -18.83
C PHE A 47 13.99 -6.64 -17.84
N ASP A 48 14.40 -7.89 -17.89
CA ASP A 48 13.84 -8.91 -17.01
C ASP A 48 14.31 -8.73 -15.57
N MET A 49 13.33 -8.58 -14.67
CA MET A 49 13.58 -8.36 -13.26
C MET A 49 14.64 -9.30 -12.68
N GLU A 50 14.53 -10.60 -12.97
CA GLU A 50 15.51 -11.52 -12.41
C GLU A 50 16.94 -11.36 -12.91
N LYS A 51 17.14 -10.99 -14.17
CA LYS A 51 18.52 -10.83 -14.62
C LYS A 51 19.13 -9.64 -13.87
N MET A 52 18.38 -8.54 -13.82
CA MET A 52 18.85 -7.34 -13.12
C MET A 52 19.14 -7.62 -11.66
N HIS A 53 18.24 -8.36 -11.03
CA HIS A 53 18.38 -8.72 -9.63
C HIS A 53 19.64 -9.56 -9.45
N SER A 54 19.92 -10.43 -10.42
CA SER A 54 21.11 -11.25 -10.31
C SER A 54 22.33 -10.36 -10.57
N ALA A 55 22.18 -9.42 -11.50
CA ALA A 55 23.26 -8.49 -11.84
C ALA A 55 23.68 -7.65 -10.63
N VAL A 56 22.70 -7.03 -9.98
CA VAL A 56 22.97 -6.19 -8.81
C VAL A 56 23.56 -7.05 -7.70
N GLY A 57 22.99 -8.24 -7.50
CA GLY A 57 23.49 -9.14 -6.46
C GLY A 57 24.92 -9.63 -6.68
N GLN A 58 25.32 -9.80 -7.93
CA GLN A 58 26.65 -10.28 -8.25
C GLN A 58 27.70 -9.17 -8.34
N GLY A 59 27.30 -7.96 -8.01
CA GLY A 59 28.26 -6.87 -8.06
C GLY A 59 27.96 -5.74 -9.01
N VAL A 60 28.26 -4.55 -8.56
CA VAL A 60 28.07 -3.35 -9.34
C VAL A 60 29.45 -2.72 -9.41
N PRO A 61 30.09 -2.76 -10.59
CA PRO A 61 31.41 -2.16 -10.72
C PRO A 61 31.39 -0.69 -10.40
N ARG A 62 32.38 -0.25 -9.63
CA ARG A 62 32.44 1.13 -9.22
C ARG A 62 32.48 2.10 -10.41
N HIS A 63 33.29 1.77 -11.43
CA HIS A 63 33.41 2.62 -12.61
C HIS A 63 32.08 2.80 -13.37
N HIS A 64 31.09 1.95 -13.09
CA HIS A 64 29.80 2.05 -13.77
C HIS A 64 28.61 2.32 -12.83
N ARG A 65 28.89 2.36 -11.53
CA ARG A 65 27.84 2.59 -10.52
C ARG A 65 26.88 3.71 -10.91
N GLY A 66 27.41 4.88 -11.26
CA GLY A 66 26.55 5.98 -11.65
C GLY A 66 25.63 5.70 -12.82
N GLU A 67 26.18 5.13 -13.90
CA GLU A 67 25.36 4.84 -15.06
C GLU A 67 24.34 3.76 -14.71
N ILE A 68 24.77 2.80 -13.87
CA ILE A 68 23.89 1.74 -13.45
C ILE A 68 22.68 2.34 -12.71
N TRP A 69 22.95 3.24 -11.77
CA TRP A 69 21.85 3.88 -11.04
C TRP A 69 20.88 4.55 -11.99
N LYS A 70 21.40 5.29 -12.96
CA LYS A 70 20.54 5.95 -13.94
C LYS A 70 19.77 4.91 -14.75
N PHE A 71 20.44 3.80 -15.06
CA PHE A 71 19.79 2.72 -15.81
C PHE A 71 18.65 2.17 -14.93
N LEU A 72 18.96 1.89 -13.68
CA LEU A 72 17.95 1.38 -12.77
C LEU A 72 16.78 2.36 -12.63
N ALA A 73 17.06 3.66 -12.72
CA ALA A 73 15.99 4.67 -12.61
C ALA A 73 15.09 4.61 -13.86
N GLU A 74 15.71 4.39 -15.01
CA GLU A 74 14.95 4.29 -16.26
C GLU A 74 14.00 3.12 -16.09
N GLN A 75 14.51 2.01 -15.56
CA GLN A 75 13.68 0.84 -15.36
C GLN A 75 12.56 1.12 -14.37
N PHE A 76 12.87 1.91 -13.34
CA PHE A 76 11.86 2.25 -12.34
C PHE A 76 10.76 3.04 -13.05
N HIS A 77 11.15 3.94 -13.94
CA HIS A 77 10.19 4.75 -14.67
C HIS A 77 9.25 3.87 -15.48
N LEU A 78 9.82 2.90 -16.20
CA LEU A 78 9.02 2.02 -17.02
C LEU A 78 8.03 1.15 -16.23
N LYS A 79 8.43 0.69 -15.06
CA LYS A 79 7.55 -0.18 -14.28
C LYS A 79 6.53 0.58 -13.44
N HIS A 80 6.77 1.86 -13.21
CA HIS A 80 5.87 2.68 -12.40
C HIS A 80 5.33 3.85 -13.20
N GLN A 81 4.04 3.92 -13.47
CA GLN A 81 3.56 5.05 -14.26
C GLN A 81 4.16 6.27 -13.62
N PHE A 82 3.73 6.48 -12.38
CA PHE A 82 4.17 7.67 -11.63
C PHE A 82 3.52 8.82 -12.39
N PRO A 83 2.35 9.16 -11.84
CA PRO A 83 1.35 10.14 -12.27
C PRO A 83 1.61 11.57 -12.52
N SER A 84 0.58 12.19 -13.11
CA SER A 84 0.63 13.58 -13.57
C SER A 84 0.09 14.64 -12.63
N LYS A 85 -0.13 14.34 -11.35
CA LYS A 85 -0.61 15.38 -10.42
C LYS A 85 0.52 15.85 -9.52
N GLN A 86 1.36 14.90 -9.13
CA GLN A 86 2.49 15.18 -8.26
C GLN A 86 3.82 15.28 -9.01
N GLN A 87 3.82 15.81 -10.24
CA GLN A 87 5.09 15.90 -10.97
C GLN A 87 6.00 16.96 -10.33
N PRO A 88 7.09 17.40 -10.99
CA PRO A 88 7.75 18.38 -10.16
C PRO A 88 7.91 19.71 -10.88
N LYS A 89 7.77 19.74 -12.20
CA LYS A 89 7.96 20.99 -12.94
C LYS A 89 9.32 20.90 -13.65
N ASP A 90 9.56 21.63 -14.75
CA ASP A 90 10.84 21.49 -15.41
C ASP A 90 11.74 22.71 -15.64
N VAL A 91 11.88 23.55 -14.63
CA VAL A 91 12.77 24.72 -14.72
C VAL A 91 14.13 24.04 -14.69
N PRO A 92 14.92 24.15 -15.76
CA PRO A 92 16.24 23.51 -15.76
C PRO A 92 17.18 23.92 -14.63
N TYR A 93 18.12 23.02 -14.34
CA TYR A 93 19.13 23.21 -13.29
C TYR A 93 19.78 24.58 -13.34
N LYS A 94 20.27 24.95 -14.51
CA LYS A 94 20.94 26.22 -14.70
C LYS A 94 20.05 27.43 -14.40
N GLU A 95 18.76 27.31 -14.67
CA GLU A 95 17.86 28.42 -14.40
C GLU A 95 17.57 28.58 -12.91
N LEU A 96 17.40 27.45 -12.21
CA LEU A 96 17.13 27.50 -10.77
C LEU A 96 18.30 28.17 -10.06
N LEU A 97 19.52 27.87 -10.50
CA LEU A 97 20.72 28.44 -9.88
C LEU A 97 20.90 29.96 -9.99
N LYS A 98 20.06 30.62 -10.78
CA LYS A 98 20.15 32.07 -10.93
C LYS A 98 19.55 32.74 -9.71
N GLN A 99 18.59 32.05 -9.09
CA GLN A 99 17.88 32.54 -7.92
C GLN A 99 18.70 32.42 -6.65
N LEU A 100 18.16 32.99 -5.58
CA LEU A 100 18.80 32.89 -4.27
C LEU A 100 17.90 31.94 -3.47
N THR A 101 18.47 31.17 -2.55
CA THR A 101 17.65 30.28 -1.75
C THR A 101 17.70 30.70 -0.28
N SER A 102 16.56 30.60 0.39
CA SER A 102 16.45 30.93 1.80
C SER A 102 17.12 29.86 2.66
N GLN A 103 17.44 28.73 2.04
CA GLN A 103 18.06 27.59 2.72
C GLN A 103 19.59 27.61 2.74
N GLN A 104 20.17 28.71 2.29
CA GLN A 104 21.63 28.87 2.23
C GLN A 104 22.34 28.49 3.53
N HIS A 105 21.90 29.05 4.67
CA HIS A 105 22.54 28.74 5.94
C HIS A 105 22.45 27.26 6.34
N ALA A 106 21.26 26.68 6.17
CA ALA A 106 21.04 25.28 6.52
C ALA A 106 21.91 24.35 5.66
N ILE A 107 22.06 24.68 4.39
CA ILE A 107 22.87 23.86 3.51
C ILE A 107 24.33 23.92 3.93
N LEU A 108 24.82 25.13 4.17
CA LEU A 108 26.21 25.33 4.55
C LEU A 108 26.62 24.63 5.85
N ILE A 109 25.77 24.67 6.87
CA ILE A 109 26.16 24.04 8.12
C ILE A 109 26.34 22.50 7.98
N ASP A 110 25.57 21.88 7.09
CA ASP A 110 25.68 20.43 6.86
C ASP A 110 26.80 20.10 5.88
N LEU A 111 27.02 21.02 4.93
CA LEU A 111 28.03 20.85 3.89
C LEU A 111 29.37 20.51 4.49
N GLY A 112 29.74 21.21 5.56
CA GLY A 112 31.01 20.95 6.22
C GLY A 112 31.11 19.61 6.90
N ARG A 113 29.98 18.93 7.12
CA ARG A 113 29.99 17.60 7.76
C ARG A 113 29.72 16.48 6.79
N THR A 114 29.69 16.80 5.50
CA THR A 114 29.39 15.79 4.50
C THR A 114 30.66 15.18 3.90
N PHE A 115 30.94 13.94 4.29
CA PHE A 115 32.13 13.22 3.80
C PHE A 115 33.37 14.14 3.92
N PRO A 116 33.59 14.73 5.10
CA PRO A 116 34.74 15.63 5.31
C PRO A 116 36.15 15.09 5.05
N THR A 117 36.33 13.77 5.13
CA THR A 117 37.65 13.20 4.90
C THR A 117 37.82 12.68 3.48
N HIS A 118 36.76 12.76 2.69
CA HIS A 118 36.84 12.33 1.30
C HIS A 118 37.53 13.47 0.56
N PRO A 119 38.63 13.17 -0.17
CA PRO A 119 39.41 14.15 -0.94
C PRO A 119 38.59 15.07 -1.85
N TYR A 120 37.48 14.56 -2.35
CA TYR A 120 36.61 15.36 -3.22
C TYR A 120 35.86 16.47 -2.44
N PHE A 121 35.62 16.23 -1.15
CA PHE A 121 34.87 17.20 -0.32
C PHE A 121 35.69 17.84 0.83
N SER A 122 36.95 17.43 0.98
CA SER A 122 37.77 17.94 2.08
C SER A 122 38.07 19.43 2.05
N ALA A 123 38.16 20.01 0.86
CA ALA A 123 38.44 21.44 0.73
C ALA A 123 37.16 22.24 0.96
N GLN A 124 37.19 23.15 1.92
CA GLN A 124 36.03 23.97 2.26
C GLN A 124 35.66 24.86 1.08
N LEU A 125 34.45 24.70 0.57
CA LEU A 125 33.98 25.47 -0.57
C LEU A 125 34.89 25.20 -1.78
N GLY A 126 35.43 23.98 -1.83
CA GLY A 126 36.25 23.58 -2.94
C GLY A 126 35.28 23.18 -4.04
N ALA A 127 35.80 22.71 -5.17
CA ALA A 127 34.97 22.31 -6.31
C ALA A 127 33.87 21.33 -5.94
N GLY A 128 34.24 20.27 -5.22
CA GLY A 128 33.29 19.26 -4.82
C GLY A 128 32.17 19.81 -3.95
N GLN A 129 32.53 20.58 -2.93
CA GLN A 129 31.53 21.15 -2.05
C GLN A 129 30.61 22.13 -2.76
N LEU A 130 31.15 22.90 -3.71
CA LEU A 130 30.35 23.87 -4.44
C LEU A 130 29.32 23.16 -5.32
N SER A 131 29.75 22.09 -5.97
CA SER A 131 28.82 21.33 -6.81
C SER A 131 27.70 20.81 -5.92
N LEU A 132 28.06 20.30 -4.74
CA LEU A 132 27.07 19.75 -3.81
C LEU A 132 26.16 20.88 -3.34
N TYR A 133 26.75 22.02 -3.01
CA TYR A 133 26.01 23.18 -2.57
C TYR A 133 24.96 23.56 -3.63
N ASN A 134 25.41 23.67 -4.88
CA ASN A 134 24.52 24.05 -5.96
C ASN A 134 23.39 23.06 -6.22
N ILE A 135 23.68 21.76 -6.08
CA ILE A 135 22.65 20.76 -6.28
C ILE A 135 21.55 20.97 -5.23
N LEU A 136 21.97 21.16 -3.97
CA LEU A 136 21.04 21.37 -2.86
C LEU A 136 20.30 22.70 -2.98
N LYS A 137 20.99 23.72 -3.49
CA LYS A 137 20.34 25.01 -3.66
C LYS A 137 19.22 24.86 -4.68
N ALA A 138 19.54 24.20 -5.79
CA ALA A 138 18.56 23.99 -6.86
C ALA A 138 17.37 23.19 -6.34
N TYR A 139 17.66 22.09 -5.64
CA TYR A 139 16.60 21.26 -5.11
C TYR A 139 15.71 22.04 -4.14
N SER A 140 16.32 22.86 -3.29
CA SER A 140 15.53 23.64 -2.33
C SER A 140 14.58 24.61 -3.03
N LEU A 141 14.94 25.04 -4.23
CA LEU A 141 14.10 25.97 -4.98
C LEU A 141 13.02 25.24 -5.77
N LEU A 142 13.30 23.98 -6.10
CA LEU A 142 12.36 23.13 -6.83
C LEU A 142 11.28 22.63 -5.86
N ASP A 143 11.74 22.13 -4.71
CA ASP A 143 10.88 21.60 -3.67
C ASP A 143 10.99 22.49 -2.43
N GLN A 144 10.24 23.59 -2.44
CA GLN A 144 10.29 24.54 -1.35
C GLN A 144 9.62 24.08 -0.07
N GLU A 145 8.82 23.03 -0.15
CA GLU A 145 8.18 22.50 1.06
C GLU A 145 9.29 21.84 1.88
N VAL A 146 10.17 21.11 1.18
CA VAL A 146 11.29 20.46 1.85
C VAL A 146 12.44 21.46 2.03
N GLY A 147 12.68 22.29 1.01
CA GLY A 147 13.78 23.25 1.06
C GLY A 147 15.02 22.37 1.26
N TYR A 148 15.72 22.60 2.36
CA TYR A 148 16.86 21.76 2.68
C TYR A 148 16.53 21.13 4.04
N CYS A 149 16.75 19.84 4.17
CA CYS A 149 16.48 19.14 5.43
C CYS A 149 17.76 18.44 5.86
N GLN A 150 18.06 18.49 7.16
CA GLN A 150 19.28 17.85 7.67
C GLN A 150 19.43 16.42 7.17
N GLY A 151 20.64 16.10 6.73
CA GLY A 151 20.93 14.76 6.23
C GLY A 151 20.90 14.63 4.72
N LEU A 152 20.09 15.45 4.06
CA LEU A 152 19.97 15.41 2.60
C LEU A 152 21.29 15.60 1.88
N SER A 153 22.21 16.35 2.46
CA SER A 153 23.48 16.57 1.81
C SER A 153 24.24 15.26 1.55
N PHE A 154 24.07 14.27 2.43
CA PHE A 154 24.75 12.99 2.26
C PHE A 154 24.18 12.24 1.05
N VAL A 155 22.86 12.35 0.87
CA VAL A 155 22.19 11.69 -0.25
C VAL A 155 22.65 12.32 -1.56
N ALA A 156 22.53 13.65 -1.67
CA ALA A 156 22.96 14.34 -2.86
C ALA A 156 24.45 14.09 -3.03
N GLY A 157 25.16 14.02 -1.91
CA GLY A 157 26.58 13.79 -1.97
C GLY A 157 26.98 12.47 -2.60
N ILE A 158 26.27 11.40 -2.23
CA ILE A 158 26.58 10.07 -2.76
C ILE A 158 26.30 10.04 -4.27
N LEU A 159 25.24 10.71 -4.71
CA LEU A 159 24.92 10.74 -6.13
C LEU A 159 26.04 11.48 -6.88
N LEU A 160 26.44 12.65 -6.35
CA LEU A 160 27.48 13.45 -6.96
C LEU A 160 28.79 12.69 -7.11
N LEU A 161 29.07 11.81 -6.17
CA LEU A 161 30.31 11.04 -6.24
C LEU A 161 30.33 10.05 -7.42
N HIS A 162 29.17 9.79 -8.02
CA HIS A 162 29.10 8.79 -9.10
C HIS A 162 28.64 9.29 -10.48
N MET A 163 28.46 10.59 -10.61
CA MET A 163 28.03 11.19 -11.87
C MET A 163 28.33 12.68 -11.87
N SER A 164 27.97 13.37 -12.95
CA SER A 164 28.23 14.81 -13.04
C SER A 164 27.28 15.58 -12.12
N GLU A 165 27.61 16.85 -11.91
CA GLU A 165 26.80 17.71 -11.06
C GLU A 165 25.33 17.73 -11.49
N GLU A 166 25.09 18.06 -12.76
CA GLU A 166 23.71 18.13 -13.24
C GLU A 166 23.03 16.77 -13.27
N GLU A 167 23.80 15.72 -13.53
CA GLU A 167 23.23 14.38 -13.55
C GLU A 167 22.77 14.03 -12.14
N ALA A 168 23.55 14.44 -11.14
CA ALA A 168 23.25 14.19 -9.74
C ALA A 168 21.97 14.88 -9.31
N PHE A 169 21.75 16.08 -9.84
CA PHE A 169 20.56 16.85 -9.51
C PHE A 169 19.34 16.13 -10.04
N LYS A 170 19.43 15.69 -11.29
CA LYS A 170 18.33 14.97 -11.92
C LYS A 170 18.02 13.67 -11.16
N MET A 171 19.04 12.95 -10.73
CA MET A 171 18.80 11.70 -10.00
C MET A 171 18.23 12.00 -8.62
N LEU A 172 18.66 13.12 -8.05
CA LEU A 172 18.15 13.53 -6.75
C LEU A 172 16.67 13.81 -6.90
N LYS A 173 16.29 14.48 -7.99
CA LYS A 173 14.88 14.79 -8.22
C LYS A 173 14.11 13.48 -8.31
N PHE A 174 14.65 12.54 -9.09
CA PHE A 174 14.02 11.24 -9.29
C PHE A 174 13.86 10.45 -7.99
N LEU A 175 14.94 10.39 -7.20
CA LEU A 175 14.90 9.65 -5.93
C LEU A 175 13.88 10.30 -5.01
N MET A 176 13.90 11.63 -4.94
CA MET A 176 13.01 12.35 -4.05
C MET A 176 11.52 12.34 -4.44
N PHE A 177 11.24 12.63 -5.70
CA PHE A 177 9.88 12.66 -6.17
C PHE A 177 9.36 11.31 -6.62
N ASP A 178 9.89 10.81 -7.72
CA ASP A 178 9.47 9.53 -8.27
C ASP A 178 9.63 8.40 -7.28
N MET A 179 10.69 8.40 -6.48
CA MET A 179 10.80 7.29 -5.54
C MET A 179 10.22 7.59 -4.18
N GLY A 180 9.70 8.82 -4.05
CA GLY A 180 9.05 9.22 -2.81
C GLY A 180 9.92 9.47 -1.60
N LEU A 181 11.24 9.55 -1.78
CA LEU A 181 12.11 9.79 -0.61
C LEU A 181 11.88 11.14 0.06
N ARG A 182 11.39 12.12 -0.71
CA ARG A 182 11.17 13.46 -0.17
C ARG A 182 10.21 13.52 1.01
N LYS A 183 9.32 12.54 1.09
CA LYS A 183 8.33 12.53 2.16
C LYS A 183 8.92 12.60 3.56
N GLN A 184 9.93 11.76 3.84
CA GLN A 184 10.55 11.76 5.16
C GLN A 184 11.26 13.07 5.48
N TYR A 185 11.60 13.85 4.46
CA TYR A 185 12.30 15.13 4.64
C TYR A 185 11.40 16.35 4.86
N ARG A 186 10.08 16.15 4.85
CA ARG A 186 9.20 17.29 5.08
C ARG A 186 9.40 17.75 6.54
N PRO A 187 9.39 19.07 6.77
CA PRO A 187 9.58 19.70 8.08
C PRO A 187 8.73 19.25 9.27
N ASP A 188 7.52 18.76 9.05
CA ASP A 188 6.70 18.32 10.18
C ASP A 188 7.22 17.02 10.82
N MET A 189 8.09 16.32 10.09
CA MET A 189 8.68 15.08 10.59
C MET A 189 7.68 13.97 10.87
N ILE A 190 6.47 14.13 10.37
CA ILE A 190 5.44 13.12 10.59
C ILE A 190 5.80 11.78 9.96
N ILE A 191 6.13 11.77 8.68
CA ILE A 191 6.51 10.52 8.04
C ILE A 191 7.73 9.90 8.73
N LEU A 192 8.66 10.73 9.21
CA LEU A 192 9.84 10.21 9.90
C LEU A 192 9.38 9.49 11.17
N GLN A 193 8.40 10.07 11.85
CA GLN A 193 7.86 9.46 13.07
C GLN A 193 7.21 8.12 12.77
N ILE A 194 6.49 8.05 11.65
CA ILE A 194 5.84 6.80 11.29
C ILE A 194 6.91 5.75 10.97
N GLN A 195 7.99 6.17 10.32
CA GLN A 195 9.06 5.25 9.99
C GLN A 195 9.69 4.70 11.28
N MET A 196 9.84 5.56 12.28
CA MET A 196 10.40 5.13 13.57
C MET A 196 9.48 4.03 14.13
N TYR A 197 8.17 4.26 14.01
CA TYR A 197 7.17 3.32 14.50
C TYR A 197 7.29 1.98 13.76
N GLN A 198 7.41 2.07 12.44
CA GLN A 198 7.50 0.89 11.61
C GLN A 198 8.73 0.03 11.95
N LEU A 199 9.86 0.68 12.20
CA LEU A 199 11.06 -0.07 12.53
C LEU A 199 10.85 -0.79 13.85
N SER A 200 10.24 -0.10 14.81
CA SER A 200 9.96 -0.68 16.12
C SER A 200 9.05 -1.92 15.98
N ARG A 201 8.05 -1.84 15.12
CA ARG A 201 7.13 -2.95 14.91
C ARG A 201 7.85 -4.10 14.21
N LEU A 202 8.78 -3.73 13.34
CA LEU A 202 9.57 -4.70 12.61
C LEU A 202 10.43 -5.48 13.63
N LEU A 203 10.97 -4.77 14.61
CA LEU A 203 11.79 -5.41 15.65
C LEU A 203 10.94 -6.34 16.50
N HIS A 204 9.71 -5.91 16.77
CA HIS A 204 8.77 -6.69 17.55
C HIS A 204 8.46 -8.02 16.87
N ASP A 205 8.16 -7.96 15.58
CA ASP A 205 7.80 -9.15 14.82
C ASP A 205 8.93 -10.07 14.40
N TYR A 206 10.15 -9.55 14.24
CA TYR A 206 11.27 -10.37 13.79
C TYR A 206 12.38 -10.66 14.82
N HIS A 207 12.48 -9.83 15.86
CA HIS A 207 13.49 -10.02 16.88
C HIS A 207 12.88 -9.57 18.20
N ARG A 208 11.84 -10.27 18.61
CA ARG A 208 11.11 -9.98 19.84
C ARG A 208 12.01 -9.77 21.04
N ASP A 209 13.01 -10.63 21.19
CA ASP A 209 13.95 -10.52 22.30
C ASP A 209 14.68 -9.17 22.29
N LEU A 210 15.15 -8.73 21.12
CA LEU A 210 15.82 -7.44 21.02
C LEU A 210 14.80 -6.36 21.33
N TYR A 211 13.60 -6.52 20.77
CA TYR A 211 12.52 -5.56 20.98
C TYR A 211 12.23 -5.42 22.47
N ASN A 212 12.07 -6.55 23.16
CA ASN A 212 11.78 -6.52 24.60
C ASN A 212 12.89 -5.81 25.37
N HIS A 213 14.13 -6.11 25.04
CA HIS A 213 15.28 -5.50 25.67
C HIS A 213 15.27 -3.99 25.48
N LEU A 214 15.04 -3.53 24.26
CA LEU A 214 15.01 -2.10 23.97
C LEU A 214 13.86 -1.41 24.70
N GLU A 215 12.70 -2.05 24.70
CA GLU A 215 11.52 -1.51 25.37
C GLU A 215 11.75 -1.39 26.88
N GLU A 216 12.37 -2.41 27.47
CA GLU A 216 12.65 -2.42 28.89
C GLU A 216 13.48 -1.20 29.33
N HIS A 217 14.41 -0.80 28.47
CA HIS A 217 15.27 0.35 28.76
C HIS A 217 14.76 1.61 28.09
N GLU A 218 13.53 1.54 27.57
CA GLU A 218 12.89 2.67 26.90
C GLU A 218 13.72 3.25 25.77
N ILE A 219 14.17 2.39 24.86
CA ILE A 219 14.96 2.86 23.73
C ILE A 219 14.16 2.75 22.44
N GLY A 220 13.52 3.86 22.07
CA GLY A 220 12.75 3.92 20.84
C GLY A 220 13.71 4.23 19.70
N PRO A 221 13.37 3.86 18.46
CA PRO A 221 14.22 4.11 17.31
C PRO A 221 14.70 5.56 17.14
N SER A 222 13.92 6.52 17.61
CA SER A 222 14.30 7.92 17.46
C SER A 222 15.61 8.25 18.16
N LEU A 223 16.04 7.37 19.07
CA LEU A 223 17.30 7.60 19.79
C LEU A 223 18.52 7.18 18.96
N TYR A 224 18.31 6.49 17.85
CA TYR A 224 19.44 6.04 17.04
C TYR A 224 19.21 5.91 15.53
N ALA A 225 17.95 5.80 15.10
CA ALA A 225 17.68 5.60 13.69
C ALA A 225 17.51 6.83 12.78
N ALA A 226 17.39 8.01 13.37
CA ALA A 226 17.21 9.22 12.56
C ALA A 226 18.28 9.40 11.48
N PRO A 227 19.56 9.23 11.84
CA PRO A 227 20.66 9.37 10.88
C PRO A 227 20.60 8.31 9.78
N TRP A 228 20.17 7.11 10.15
CA TRP A 228 20.06 6.01 9.21
C TRP A 228 19.07 6.34 8.10
N PHE A 229 17.93 6.91 8.46
CA PHE A 229 16.92 7.26 7.47
C PHE A 229 17.29 8.52 6.71
N LEU A 230 17.61 9.57 7.44
CA LEU A 230 17.91 10.86 6.83
C LEU A 230 19.20 10.95 6.03
N THR A 231 20.24 10.19 6.40
CA THR A 231 21.48 10.24 5.62
C THR A 231 21.61 8.93 4.83
N MET A 232 20.61 8.06 4.96
CA MET A 232 20.61 6.76 4.29
C MET A 232 21.91 6.01 4.60
N PHE A 233 22.28 6.03 5.88
CA PHE A 233 23.46 5.39 6.41
C PHE A 233 24.79 6.03 6.04
N ALA A 234 24.73 7.03 5.16
CA ALA A 234 25.95 7.66 4.68
C ALA A 234 26.80 8.40 5.72
N SER A 235 26.19 8.90 6.78
CA SER A 235 26.99 9.64 7.77
C SER A 235 27.75 8.79 8.77
N GLN A 236 27.47 7.51 8.85
CA GLN A 236 28.13 6.67 9.85
C GLN A 236 28.73 5.38 9.33
N PHE A 237 28.29 4.93 8.16
CA PHE A 237 28.81 3.68 7.62
C PHE A 237 29.83 3.90 6.49
N PRO A 238 30.65 2.87 6.21
CA PRO A 238 31.66 2.98 5.16
C PRO A 238 31.04 3.20 3.79
N LEU A 239 31.68 4.06 3.01
CA LEU A 239 31.24 4.40 1.66
C LEU A 239 30.93 3.19 0.79
N GLY A 240 31.78 2.17 0.85
CA GLY A 240 31.57 0.96 0.04
C GLY A 240 30.28 0.24 0.40
N PHE A 241 29.96 0.25 1.69
CA PHE A 241 28.74 -0.39 2.17
C PHE A 241 27.55 0.47 1.75
N VAL A 242 27.67 1.78 1.93
CA VAL A 242 26.58 2.69 1.57
C VAL A 242 26.30 2.66 0.08
N ALA A 243 27.34 2.49 -0.73
CA ALA A 243 27.17 2.44 -2.17
C ALA A 243 26.38 1.20 -2.60
N ARG A 244 26.58 0.09 -1.89
CA ARG A 244 25.86 -1.15 -2.22
C ARG A 244 24.42 -1.00 -1.74
N VAL A 245 24.23 -0.30 -0.64
CA VAL A 245 22.88 -0.07 -0.14
C VAL A 245 22.13 0.76 -1.20
N PHE A 246 22.83 1.73 -1.81
CA PHE A 246 22.16 2.53 -2.84
C PHE A 246 21.88 1.72 -4.11
N ASP A 247 22.74 0.75 -4.42
CA ASP A 247 22.50 -0.09 -5.58
C ASP A 247 21.12 -0.72 -5.38
N MET A 248 20.91 -1.25 -4.18
CA MET A 248 19.65 -1.92 -3.87
C MET A 248 18.46 -0.98 -3.83
N ILE A 249 18.68 0.24 -3.35
CA ILE A 249 17.61 1.21 -3.30
C ILE A 249 17.11 1.48 -4.71
N PHE A 250 18.02 1.69 -5.66
CA PHE A 250 17.57 2.00 -7.01
C PHE A 250 16.86 0.84 -7.70
N LEU A 251 17.19 -0.39 -7.31
CA LEU A 251 16.56 -1.55 -7.91
C LEU A 251 15.25 -1.90 -7.19
N GLN A 252 15.28 -1.89 -5.85
CA GLN A 252 14.12 -2.29 -5.06
C GLN A 252 13.32 -1.22 -4.30
N GLY A 253 13.77 0.04 -4.33
CA GLY A 253 13.04 1.08 -3.63
C GLY A 253 13.62 1.52 -2.29
N THR A 254 13.17 2.66 -1.78
CA THR A 254 13.64 3.22 -0.52
C THR A 254 13.40 2.37 0.71
N GLU A 255 12.46 1.44 0.63
CA GLU A 255 12.17 0.58 1.77
C GLU A 255 13.37 -0.31 2.13
N VAL A 256 14.37 -0.31 1.28
CA VAL A 256 15.60 -1.05 1.52
C VAL A 256 16.24 -0.52 2.82
N ILE A 257 16.00 0.76 3.13
CA ILE A 257 16.57 1.36 4.34
C ILE A 257 16.11 0.56 5.56
N PHE A 258 14.81 0.24 5.58
CA PHE A 258 14.21 -0.54 6.68
C PHE A 258 14.89 -1.91 6.76
N LYS A 259 15.11 -2.52 5.59
CA LYS A 259 15.72 -3.83 5.53
C LYS A 259 17.12 -3.79 6.13
N VAL A 260 17.91 -2.78 5.75
CA VAL A 260 19.26 -2.66 6.27
C VAL A 260 19.23 -2.44 7.77
N ALA A 261 18.31 -1.60 8.25
CA ALA A 261 18.22 -1.34 9.69
C ALA A 261 17.88 -2.63 10.45
N LEU A 262 16.88 -3.35 9.96
CA LEU A 262 16.47 -4.60 10.60
C LEU A 262 17.61 -5.63 10.59
N SER A 263 18.29 -5.74 9.45
CA SER A 263 19.39 -6.68 9.32
C SER A 263 20.52 -6.36 10.30
N LEU A 264 20.90 -5.09 10.39
CA LEU A 264 21.96 -4.67 11.29
C LEU A 264 21.58 -4.91 12.74
N LEU A 265 20.37 -4.49 13.10
CA LEU A 265 19.94 -4.67 14.48
C LEU A 265 19.88 -6.15 14.83
N GLY A 266 19.29 -6.95 13.95
CA GLY A 266 19.17 -8.38 14.21
C GLY A 266 20.53 -9.04 14.33
N SER A 267 21.43 -8.66 13.44
CA SER A 267 22.80 -9.17 13.39
C SER A 267 23.60 -8.87 14.68
N HIS A 268 23.42 -7.68 15.25
CA HIS A 268 24.14 -7.29 16.46
C HIS A 268 23.35 -7.52 17.75
N LYS A 269 22.22 -8.20 17.63
CA LYS A 269 21.36 -8.47 18.76
C LYS A 269 22.11 -9.04 19.97
N PRO A 270 22.87 -10.13 19.77
CA PRO A 270 23.60 -10.70 20.91
C PRO A 270 24.46 -9.69 21.64
N LEU A 271 25.07 -8.78 20.88
CA LEU A 271 25.92 -7.77 21.48
C LEU A 271 25.10 -6.70 22.20
N ILE A 272 24.01 -6.27 21.58
CA ILE A 272 23.14 -5.25 22.19
C ILE A 272 22.54 -5.77 23.49
N LEU A 273 22.20 -7.05 23.51
CA LEU A 273 21.62 -7.68 24.69
C LEU A 273 22.57 -7.65 25.89
N GLN A 274 23.87 -7.56 25.65
CA GLN A 274 24.86 -7.51 26.74
C GLN A 274 24.91 -6.13 27.43
N HIS A 275 24.38 -5.10 26.77
CA HIS A 275 24.40 -3.75 27.35
C HIS A 275 23.14 -3.54 28.19
N GLU A 276 23.32 -3.02 29.40
CA GLU A 276 22.20 -2.86 30.31
C GLU A 276 21.58 -1.52 30.66
N ASN A 277 22.01 -0.44 30.03
CA ASN A 277 21.40 0.85 30.29
C ASN A 277 21.30 1.65 29.00
N LEU A 278 20.46 2.69 29.01
CA LEU A 278 20.27 3.49 27.82
C LEU A 278 21.59 4.04 27.26
N GLU A 279 22.45 4.52 28.15
CA GLU A 279 23.73 5.07 27.70
C GLU A 279 24.58 4.04 26.95
N THR A 280 24.75 2.85 27.51
CA THR A 280 25.58 1.82 26.85
C THR A 280 24.95 1.25 25.58
N ILE A 281 23.64 1.04 25.59
CA ILE A 281 22.94 0.49 24.42
C ILE A 281 22.97 1.49 23.25
N VAL A 282 22.56 2.72 23.50
CA VAL A 282 22.55 3.73 22.45
C VAL A 282 23.96 3.97 21.91
N ASP A 283 24.93 4.03 22.82
CA ASP A 283 26.33 4.23 22.44
C ASP A 283 26.82 3.11 21.52
N PHE A 284 26.43 1.87 21.83
CA PHE A 284 26.85 0.74 21.00
C PHE A 284 26.27 0.84 19.59
N ILE A 285 24.96 1.07 19.51
CA ILE A 285 24.27 1.17 18.24
C ILE A 285 24.75 2.37 17.42
N LYS A 286 25.03 3.50 18.09
CA LYS A 286 25.49 4.70 17.39
C LYS A 286 26.94 4.67 16.95
N SER A 287 27.83 4.27 17.85
CA SER A 287 29.26 4.27 17.59
C SER A 287 29.94 2.94 17.26
N THR A 288 29.58 1.88 17.97
CA THR A 288 30.23 0.61 17.71
C THR A 288 29.69 -0.13 16.49
N LEU A 289 28.36 -0.26 16.42
CA LEU A 289 27.73 -0.96 15.30
C LEU A 289 28.21 -0.53 13.92
N PRO A 290 28.41 0.78 13.71
CA PRO A 290 28.88 1.22 12.38
C PRO A 290 30.27 0.68 12.00
N ASN A 291 31.05 0.26 12.99
CA ASN A 291 32.39 -0.26 12.73
C ASN A 291 32.41 -1.71 12.28
N LEU A 292 31.52 -2.07 11.37
CA LEU A 292 31.42 -3.45 10.88
C LEU A 292 32.59 -3.89 10.02
N GLY A 293 32.90 -5.18 10.10
CA GLY A 293 33.99 -5.73 9.30
C GLY A 293 33.52 -6.06 7.90
N LEU A 294 34.47 -6.36 7.02
CA LEU A 294 34.16 -6.68 5.62
C LEU A 294 33.20 -7.85 5.46
N VAL A 295 33.41 -8.93 6.20
CA VAL A 295 32.53 -10.09 6.08
C VAL A 295 31.11 -9.74 6.51
N GLN A 296 30.99 -9.00 7.61
CA GLN A 296 29.69 -8.58 8.14
C GLN A 296 28.88 -7.80 7.11
N MET A 297 29.52 -6.81 6.51
CA MET A 297 28.87 -5.98 5.50
C MET A 297 28.38 -6.87 4.36
N GLU A 298 29.24 -7.77 3.94
CA GLU A 298 28.94 -8.72 2.88
C GLU A 298 27.68 -9.51 3.22
N LYS A 299 27.62 -10.05 4.42
CA LYS A 299 26.46 -10.82 4.87
C LYS A 299 25.21 -9.94 4.91
N THR A 300 25.37 -8.74 5.45
CA THR A 300 24.26 -7.81 5.55
C THR A 300 23.67 -7.50 4.17
N ILE A 301 24.51 -7.11 3.22
CA ILE A 301 24.03 -6.82 1.89
C ILE A 301 23.24 -8.00 1.32
N ASN A 302 23.83 -9.20 1.39
CA ASN A 302 23.16 -10.38 0.87
C ASN A 302 21.82 -10.69 1.55
N GLN A 303 21.78 -10.58 2.88
CA GLN A 303 20.53 -10.83 3.60
C GLN A 303 19.49 -9.78 3.21
N VAL A 304 19.86 -8.51 3.34
CA VAL A 304 18.96 -7.39 3.02
C VAL A 304 18.39 -7.57 1.62
N PHE A 305 19.26 -7.98 0.70
CA PHE A 305 18.89 -8.16 -0.69
C PHE A 305 17.77 -9.17 -0.98
N GLU A 306 17.66 -10.21 -0.18
CA GLU A 306 16.61 -11.20 -0.39
C GLU A 306 15.44 -11.00 0.57
N MET A 307 15.55 -9.99 1.41
CA MET A 307 14.53 -9.69 2.40
C MET A 307 13.24 -9.16 1.76
N ASP A 308 12.10 -9.53 2.33
CA ASP A 308 10.79 -9.13 1.83
C ASP A 308 9.92 -8.69 3.02
N ILE A 309 9.69 -7.39 3.16
CA ILE A 309 8.88 -6.88 4.27
C ILE A 309 7.89 -5.78 3.88
N ALA A 310 7.63 -5.63 2.58
CA ALA A 310 6.73 -4.58 2.11
C ALA A 310 5.33 -4.62 2.72
N LYS A 311 4.72 -5.80 2.78
CA LYS A 311 3.36 -5.93 3.32
C LYS A 311 3.31 -5.61 4.81
N GLN A 312 4.35 -5.99 5.55
CA GLN A 312 4.39 -5.72 6.99
C GLN A 312 4.49 -4.20 7.20
N LEU A 313 5.38 -3.57 6.46
CA LEU A 313 5.56 -2.12 6.58
C LEU A 313 4.25 -1.41 6.29
N GLN A 314 3.56 -1.85 5.25
CA GLN A 314 2.28 -1.26 4.86
C GLN A 314 1.29 -1.41 6.01
N ALA A 315 1.23 -2.62 6.57
CA ALA A 315 0.33 -2.88 7.69
C ALA A 315 0.65 -2.01 8.90
N TYR A 316 1.95 -1.87 9.22
CA TYR A 316 2.33 -1.05 10.37
C TYR A 316 1.87 0.38 10.19
N GLU A 317 1.87 0.85 8.94
CA GLU A 317 1.44 2.21 8.65
C GLU A 317 -0.05 2.38 8.97
N VAL A 318 -0.88 1.44 8.50
CA VAL A 318 -2.32 1.51 8.81
C VAL A 318 -2.49 1.52 10.32
N GLU A 319 -1.77 0.61 10.97
CA GLU A 319 -1.78 0.44 12.41
C GLU A 319 -1.46 1.76 13.14
N TYR A 320 -0.46 2.48 12.65
CA TYR A 320 -0.07 3.76 13.25
C TYR A 320 -1.28 4.69 13.30
N HIS A 321 -1.95 4.83 12.16
CA HIS A 321 -3.09 5.73 12.08
C HIS A 321 -4.28 5.30 12.94
N VAL A 322 -4.46 4.01 13.14
CA VAL A 322 -5.57 3.54 13.97
C VAL A 322 -5.29 3.92 15.43
N LEU A 323 -4.03 3.76 15.85
CA LEU A 323 -3.64 4.09 17.22
C LEU A 323 -3.65 5.59 17.52
N GLN A 324 -3.45 6.42 16.50
CA GLN A 324 -3.43 7.86 16.67
C GLN A 324 -4.78 8.42 17.14
N GLU A 325 -5.87 7.82 16.67
CA GLU A 325 -7.21 8.27 17.03
C GLU A 325 -7.61 7.95 18.47
N LEU B 10 -32.03 11.73 -12.61
CA LEU B 10 -32.45 13.11 -12.32
C LEU B 10 -31.82 13.54 -10.99
N LEU B 11 -31.87 14.84 -10.70
CA LEU B 11 -31.32 15.37 -9.47
C LEU B 11 -31.62 14.49 -8.28
N ASN B 12 -32.76 13.81 -8.30
CA ASN B 12 -33.02 12.95 -7.16
C ASN B 12 -31.79 12.07 -7.12
N LYS B 13 -31.13 11.95 -8.27
CA LYS B 13 -29.91 11.18 -8.32
C LYS B 13 -28.99 11.76 -7.23
N ARG B 14 -28.86 13.08 -7.12
CA ARG B 14 -28.01 13.56 -6.06
C ARG B 14 -28.61 13.24 -4.69
N LEU B 15 -29.87 13.57 -4.39
CA LEU B 15 -30.45 13.18 -3.10
C LEU B 15 -29.85 11.82 -2.71
N LYS B 16 -29.62 10.98 -3.72
CA LYS B 16 -29.08 9.63 -3.55
C LYS B 16 -27.59 9.59 -3.26
N LEU B 17 -26.87 10.67 -3.61
CA LEU B 17 -25.42 10.71 -3.46
C LEU B 17 -24.79 11.57 -2.36
N ASP B 18 -25.54 11.85 -1.30
CA ASP B 18 -25.03 12.68 -0.19
C ASP B 18 -24.03 11.92 0.69
N TYR B 19 -22.84 11.63 0.23
CA TYR B 19 -22.04 10.95 1.22
C TYR B 19 -20.58 11.28 1.26
N GLU B 20 -20.15 11.61 2.48
CA GLU B 20 -18.79 11.97 2.69
C GLU B 20 -17.93 10.98 1.96
N GLU B 21 -17.27 11.49 0.95
CA GLU B 21 -16.36 10.75 0.12
C GLU B 21 -15.20 10.60 1.10
N ILE B 22 -14.10 9.94 0.76
CA ILE B 22 -13.03 9.88 1.74
C ILE B 22 -11.62 10.10 1.19
N THR B 23 -11.56 10.39 -0.10
CA THR B 23 -10.34 10.76 -0.81
C THR B 23 -10.98 11.23 -2.10
N PRO B 24 -11.68 12.37 -1.99
CA PRO B 24 -12.45 13.17 -2.94
C PRO B 24 -11.62 13.41 -4.17
N CYS B 25 -11.81 12.51 -5.13
CA CYS B 25 -11.09 12.54 -6.38
C CYS B 25 -11.24 13.86 -7.11
N LEU B 26 -10.32 14.12 -8.04
CA LEU B 26 -10.37 15.35 -8.80
C LEU B 26 -9.65 15.34 -10.14
N LYS B 27 -10.31 15.95 -11.12
CA LYS B 27 -9.81 16.11 -12.48
C LYS B 27 -9.35 14.96 -13.38
N GLU B 28 -8.29 14.23 -13.06
CA GLU B 28 -7.86 13.19 -13.99
C GLU B 28 -8.45 11.81 -14.09
N VAL B 29 -8.79 11.13 -13.00
CA VAL B 29 -9.40 9.82 -13.23
C VAL B 29 -10.75 10.22 -13.79
N THR B 30 -11.23 11.39 -13.34
CA THR B 30 -12.50 11.93 -13.79
C THR B 30 -12.35 12.38 -15.24
N THR B 31 -11.14 12.28 -15.76
CA THR B 31 -10.87 12.64 -17.15
C THR B 31 -10.68 11.31 -17.86
N VAL B 32 -9.89 10.44 -17.25
CA VAL B 32 -9.63 9.14 -17.83
C VAL B 32 -10.92 8.33 -17.85
N TRP B 33 -11.55 8.18 -16.69
CA TRP B 33 -12.80 7.42 -16.59
C TRP B 33 -13.79 7.80 -17.70
N GLU B 34 -13.96 9.10 -17.93
CA GLU B 34 -14.88 9.51 -18.96
C GLU B 34 -14.49 8.89 -20.30
N LYS B 35 -13.28 9.16 -20.80
CA LYS B 35 -12.83 8.55 -22.05
C LYS B 35 -12.92 7.04 -21.84
N MET B 36 -12.66 6.67 -20.60
CA MET B 36 -12.65 5.32 -20.07
C MET B 36 -14.06 4.74 -19.86
N LEU B 37 -15.09 5.49 -20.23
CA LEU B 37 -16.49 5.03 -20.07
C LEU B 37 -17.22 5.38 -21.33
N SER B 38 -16.81 6.50 -21.92
CA SER B 38 -17.38 7.06 -23.13
C SER B 38 -16.94 6.42 -24.44
N THR B 39 -16.15 5.36 -24.35
CA THR B 39 -15.66 4.66 -25.54
C THR B 39 -16.80 3.98 -26.30
N PRO B 40 -16.85 4.14 -27.64
CA PRO B 40 -17.89 3.52 -28.46
C PRO B 40 -17.84 2.00 -28.39
N GLY B 41 -18.96 1.38 -28.04
CA GLY B 41 -19.00 -0.07 -27.96
C GLY B 41 -18.08 -0.58 -26.86
N ARG B 42 -18.08 0.16 -25.76
CA ARG B 42 -17.28 -0.14 -24.57
C ARG B 42 -17.57 -1.58 -24.16
N SER B 43 -18.82 -1.97 -24.39
CA SER B 43 -19.33 -3.29 -24.07
C SER B 43 -18.55 -4.51 -24.57
N LYS B 44 -17.88 -4.41 -25.72
CA LYS B 44 -17.12 -5.55 -26.23
C LYS B 44 -15.65 -5.23 -26.37
N ILE B 45 -14.86 -5.78 -25.47
CA ILE B 45 -13.45 -5.42 -25.44
C ILE B 45 -12.58 -6.34 -24.56
N LYS B 46 -11.77 -5.73 -23.71
CA LYS B 46 -10.85 -6.36 -22.75
C LYS B 46 -9.91 -5.26 -22.26
N PHE B 47 -10.40 -4.02 -22.17
CA PHE B 47 -9.56 -2.88 -21.78
C PHE B 47 -8.39 -3.28 -20.89
N ASP B 48 -7.28 -3.62 -21.55
CA ASP B 48 -6.03 -4.00 -20.89
C ASP B 48 -6.10 -3.77 -19.39
N MET B 49 -6.22 -4.87 -18.66
CA MET B 49 -6.32 -4.85 -17.21
C MET B 49 -5.29 -3.98 -16.51
N GLU B 50 -4.15 -3.72 -17.14
CA GLU B 50 -3.19 -2.86 -16.47
C GLU B 50 -3.92 -1.52 -16.35
N LYS B 51 -5.06 -1.44 -17.04
CA LYS B 51 -5.89 -0.24 -17.06
C LYS B 51 -6.91 -0.07 -15.95
N MET B 52 -7.15 -1.06 -15.11
CA MET B 52 -8.15 -0.78 -14.11
C MET B 52 -7.52 -0.31 -12.80
N HIS B 53 -6.66 -1.13 -12.21
CA HIS B 53 -6.00 -0.76 -10.95
C HIS B 53 -5.59 0.68 -10.81
N SER B 54 -4.69 1.15 -11.66
CA SER B 54 -4.27 2.52 -11.45
C SER B 54 -5.49 3.43 -11.47
N ALA B 55 -6.45 3.20 -12.36
CA ALA B 55 -7.65 4.07 -12.40
C ALA B 55 -8.54 3.83 -11.18
N VAL B 56 -8.85 2.57 -10.92
CA VAL B 56 -9.66 2.16 -9.77
C VAL B 56 -8.89 2.66 -8.56
N GLY B 57 -7.61 2.34 -8.56
CA GLY B 57 -6.74 2.77 -7.48
C GLY B 57 -6.62 4.27 -7.54
N GLN B 58 -6.51 4.83 -8.74
CA GLN B 58 -6.38 6.28 -8.87
C GLN B 58 -7.59 7.05 -8.39
N GLY B 59 -8.79 6.47 -8.50
CA GLY B 59 -9.96 7.17 -8.03
C GLY B 59 -11.26 6.90 -8.75
N VAL B 60 -12.35 6.91 -7.99
CA VAL B 60 -13.65 6.66 -8.59
C VAL B 60 -14.61 7.79 -8.24
N PRO B 61 -14.87 8.68 -9.20
CA PRO B 61 -15.77 9.82 -9.01
C PRO B 61 -17.15 9.35 -8.57
N ARG B 62 -17.60 9.89 -7.44
CA ARG B 62 -18.88 9.54 -6.84
C ARG B 62 -20.07 9.66 -7.79
N HIS B 63 -19.99 10.58 -8.75
CA HIS B 63 -21.11 10.77 -9.64
C HIS B 63 -21.07 9.86 -10.88
N HIS B 64 -19.96 9.14 -11.05
CA HIS B 64 -19.83 8.20 -12.16
C HIS B 64 -19.65 6.78 -11.61
N ARG B 65 -19.65 6.66 -10.29
CA ARG B 65 -19.47 5.37 -9.63
C ARG B 65 -20.41 4.29 -10.16
N GLY B 66 -21.68 4.64 -10.31
CA GLY B 66 -22.63 3.67 -10.81
C GLY B 66 -22.25 3.15 -12.19
N GLU B 67 -21.89 4.08 -13.07
CA GLU B 67 -21.50 3.75 -14.44
C GLU B 67 -20.27 2.87 -14.44
N ILE B 68 -19.30 3.22 -13.60
CA ILE B 68 -18.06 2.47 -13.48
C ILE B 68 -18.29 1.04 -13.01
N TRP B 69 -19.17 0.85 -12.03
CA TRP B 69 -19.43 -0.50 -11.54
C TRP B 69 -19.97 -1.33 -12.69
N LYS B 70 -20.84 -0.72 -13.48
CA LYS B 70 -21.43 -1.40 -14.62
C LYS B 70 -20.33 -1.74 -15.63
N PHE B 71 -19.40 -0.81 -15.83
CA PHE B 71 -18.30 -1.03 -16.75
C PHE B 71 -17.41 -2.15 -16.20
N LEU B 72 -17.08 -2.07 -14.91
CA LEU B 72 -16.24 -3.08 -14.27
C LEU B 72 -16.89 -4.46 -14.36
N ALA B 73 -18.20 -4.48 -14.60
CA ALA B 73 -18.94 -5.74 -14.70
C ALA B 73 -18.91 -6.27 -16.11
N GLU B 74 -18.87 -5.37 -17.08
CA GLU B 74 -18.82 -5.75 -18.48
C GLU B 74 -17.45 -6.40 -18.69
N GLN B 75 -16.45 -5.81 -18.04
CA GLN B 75 -15.09 -6.32 -18.12
C GLN B 75 -14.98 -7.67 -17.43
N PHE B 76 -15.57 -7.77 -16.24
CA PHE B 76 -15.53 -9.02 -15.50
C PHE B 76 -16.21 -10.07 -16.37
N HIS B 77 -17.25 -9.64 -17.08
CA HIS B 77 -18.00 -10.53 -17.96
C HIS B 77 -17.15 -11.14 -19.07
N LEU B 78 -16.65 -10.28 -19.95
CA LEU B 78 -15.83 -10.71 -21.08
C LEU B 78 -14.74 -11.68 -20.65
N LYS B 79 -13.98 -11.29 -19.63
CA LYS B 79 -12.88 -12.10 -19.19
C LYS B 79 -13.31 -13.54 -18.73
N HIS B 80 -14.13 -13.75 -17.69
CA HIS B 80 -14.54 -15.14 -17.34
C HIS B 80 -15.82 -15.53 -18.08
N GLN B 81 -16.13 -16.82 -18.00
CA GLN B 81 -17.35 -17.37 -18.61
C GLN B 81 -18.17 -18.09 -17.52
N PHE B 82 -19.46 -17.78 -17.37
CA PHE B 82 -20.31 -18.43 -16.35
C PHE B 82 -20.93 -19.71 -16.91
N PRO B 83 -20.83 -20.82 -16.16
CA PRO B 83 -21.37 -22.13 -16.54
C PRO B 83 -22.90 -22.25 -16.53
N SER B 84 -23.54 -21.76 -17.58
CA SER B 84 -24.99 -21.69 -17.66
C SER B 84 -25.81 -22.88 -17.13
N LYS B 85 -25.33 -23.61 -16.11
CA LYS B 85 -26.22 -24.56 -15.48
C LYS B 85 -26.93 -23.71 -14.44
N GLN B 86 -26.20 -23.46 -13.35
CA GLN B 86 -26.69 -22.59 -12.31
C GLN B 86 -27.03 -21.17 -12.82
N GLN B 87 -27.24 -21.05 -14.13
CA GLN B 87 -27.51 -19.74 -14.76
C GLN B 87 -29.03 -19.49 -14.65
N PRO B 88 -29.46 -18.28 -14.23
CA PRO B 88 -30.91 -18.04 -14.09
C PRO B 88 -31.82 -17.85 -15.31
N LYS B 89 -33.13 -17.99 -15.07
CA LYS B 89 -34.10 -17.82 -16.14
C LYS B 89 -34.12 -16.34 -16.47
N ASP B 90 -34.05 -16.05 -17.76
CA ASP B 90 -34.00 -14.69 -18.27
C ASP B 90 -35.25 -13.83 -18.08
N VAL B 91 -36.12 -14.21 -17.14
CA VAL B 91 -37.34 -13.44 -16.90
C VAL B 91 -37.06 -11.98 -16.55
N PRO B 92 -37.60 -11.04 -17.36
CA PRO B 92 -37.39 -9.60 -17.13
C PRO B 92 -37.99 -9.05 -15.83
N TYR B 93 -37.38 -7.98 -15.34
CA TYR B 93 -37.76 -7.32 -14.10
C TYR B 93 -39.27 -7.05 -13.95
N LYS B 94 -39.84 -6.28 -14.86
CA LYS B 94 -41.26 -5.94 -14.80
C LYS B 94 -42.17 -7.17 -14.87
N GLU B 95 -41.66 -8.28 -15.39
CA GLU B 95 -42.47 -9.50 -15.45
C GLU B 95 -42.48 -10.14 -14.07
N LEU B 96 -41.31 -10.21 -13.45
CA LEU B 96 -41.19 -10.79 -12.12
C LEU B 96 -42.04 -10.03 -11.12
N LEU B 97 -42.11 -8.72 -11.29
CA LEU B 97 -42.86 -7.89 -10.35
C LEU B 97 -44.36 -8.13 -10.34
N LYS B 98 -44.87 -8.84 -11.35
CA LYS B 98 -46.29 -9.14 -11.44
C LYS B 98 -46.68 -10.21 -10.41
N GLN B 99 -45.70 -11.02 -10.02
CA GLN B 99 -45.96 -12.08 -9.05
C GLN B 99 -45.95 -11.59 -7.61
N LEU B 100 -46.31 -12.49 -6.70
CA LEU B 100 -46.30 -12.20 -5.27
C LEU B 100 -45.13 -12.98 -4.70
N THR B 101 -44.40 -12.41 -3.74
CA THR B 101 -43.28 -13.12 -3.16
C THR B 101 -43.56 -13.57 -1.74
N SER B 102 -43.15 -14.80 -1.44
CA SER B 102 -43.35 -15.34 -0.09
C SER B 102 -42.39 -14.66 0.88
N GLN B 103 -41.41 -13.95 0.32
CA GLN B 103 -40.39 -13.26 1.13
C GLN B 103 -40.79 -11.85 1.55
N GLN B 104 -42.05 -11.49 1.33
CA GLN B 104 -42.54 -10.16 1.66
C GLN B 104 -42.22 -9.70 3.09
N HIS B 105 -42.61 -10.47 4.10
CA HIS B 105 -42.34 -10.11 5.50
C HIS B 105 -40.85 -9.94 5.79
N ALA B 106 -40.04 -10.88 5.32
CA ALA B 106 -38.60 -10.84 5.55
C ALA B 106 -37.97 -9.57 4.98
N ILE B 107 -38.42 -9.17 3.79
CA ILE B 107 -37.92 -7.98 3.14
C ILE B 107 -38.31 -6.71 3.89
N LEU B 108 -39.58 -6.63 4.29
CA LEU B 108 -40.05 -5.46 5.00
C LEU B 108 -39.35 -5.24 6.33
N ILE B 109 -39.14 -6.29 7.09
CA ILE B 109 -38.51 -6.14 8.40
C ILE B 109 -37.11 -5.54 8.27
N ASP B 110 -36.37 -5.94 7.24
CA ASP B 110 -35.02 -5.42 7.02
C ASP B 110 -35.05 -4.04 6.36
N LEU B 111 -36.05 -3.84 5.52
CA LEU B 111 -36.18 -2.58 4.79
C LEU B 111 -36.12 -1.35 5.68
N GLY B 112 -36.76 -1.43 6.84
CA GLY B 112 -36.75 -0.30 7.76
C GLY B 112 -35.42 -0.05 8.45
N ARG B 113 -34.50 -1.00 8.36
CA ARG B 113 -33.18 -0.85 9.00
C ARG B 113 -32.09 -0.59 7.98
N THR B 114 -32.47 -0.37 6.73
CA THR B 114 -31.49 -0.15 5.68
C THR B 114 -31.26 1.34 5.42
N PHE B 115 -30.06 1.81 5.77
CA PHE B 115 -29.68 3.22 5.62
C PHE B 115 -30.86 4.12 6.04
N PRO B 116 -31.41 3.88 7.24
CA PRO B 116 -32.55 4.67 7.75
C PRO B 116 -32.37 6.18 7.89
N THR B 117 -31.14 6.66 8.07
CA THR B 117 -30.93 8.09 8.23
C THR B 117 -30.56 8.74 6.92
N HIS B 118 -30.49 7.94 5.87
CA HIS B 118 -30.17 8.45 4.54
C HIS B 118 -31.46 9.03 3.94
N PRO B 119 -31.44 10.31 3.54
CA PRO B 119 -32.59 11.02 2.96
C PRO B 119 -33.39 10.25 1.91
N TYR B 120 -32.71 9.40 1.14
CA TYR B 120 -33.37 8.63 0.10
C TYR B 120 -34.18 7.47 0.68
N PHE B 121 -33.75 6.92 1.82
CA PHE B 121 -34.46 5.79 2.46
C PHE B 121 -35.19 6.16 3.76
N SER B 122 -35.08 7.40 4.21
CA SER B 122 -35.72 7.81 5.46
C SER B 122 -37.25 7.69 5.51
N ALA B 123 -37.94 7.95 4.39
CA ALA B 123 -39.40 7.87 4.36
C ALA B 123 -39.90 6.43 4.28
N GLN B 124 -40.65 6.00 5.29
CA GLN B 124 -41.18 4.63 5.30
C GLN B 124 -42.05 4.40 4.08
N LEU B 125 -41.63 3.44 3.27
CA LEU B 125 -42.32 3.10 2.02
C LEU B 125 -42.39 4.28 1.08
N GLY B 126 -41.34 5.11 1.12
CA GLY B 126 -41.25 6.24 0.22
C GLY B 126 -40.69 5.70 -1.09
N ALA B 127 -40.45 6.58 -2.06
CA ALA B 127 -39.92 6.17 -3.36
C ALA B 127 -38.68 5.28 -3.26
N GLY B 128 -37.72 5.70 -2.44
CA GLY B 128 -36.50 4.94 -2.29
C GLY B 128 -36.72 3.53 -1.75
N GLN B 129 -37.36 3.44 -0.59
CA GLN B 129 -37.63 2.14 0.00
C GLN B 129 -38.42 1.24 -0.96
N LEU B 130 -39.42 1.80 -1.64
CA LEU B 130 -40.22 1.01 -2.58
C LEU B 130 -39.37 0.44 -3.70
N SER B 131 -38.46 1.26 -4.22
CA SER B 131 -37.56 0.80 -5.28
C SER B 131 -36.72 -0.37 -4.72
N LEU B 132 -36.22 -0.22 -3.49
CA LEU B 132 -35.41 -1.27 -2.90
C LEU B 132 -36.25 -2.52 -2.66
N TYR B 133 -37.48 -2.33 -2.16
CA TYR B 133 -38.38 -3.44 -1.90
C TYR B 133 -38.61 -4.24 -3.18
N ASN B 134 -38.89 -3.52 -4.26
CA ASN B 134 -39.16 -4.17 -5.54
C ASN B 134 -37.95 -4.90 -6.13
N ILE B 135 -36.75 -4.34 -5.97
CA ILE B 135 -35.54 -5.01 -6.44
C ILE B 135 -35.40 -6.35 -5.72
N LEU B 136 -35.58 -6.31 -4.40
CA LEU B 136 -35.47 -7.52 -3.56
C LEU B 136 -36.58 -8.51 -3.87
N LYS B 137 -37.79 -8.01 -4.14
CA LYS B 137 -38.91 -8.88 -4.46
C LYS B 137 -38.56 -9.65 -5.75
N ALA B 138 -38.14 -8.90 -6.76
CA ALA B 138 -37.77 -9.50 -8.04
C ALA B 138 -36.67 -10.54 -7.85
N TYR B 139 -35.66 -10.20 -7.06
CA TYR B 139 -34.58 -11.15 -6.84
C TYR B 139 -35.05 -12.41 -6.12
N SER B 140 -35.98 -12.28 -5.18
CA SER B 140 -36.47 -13.45 -4.44
C SER B 140 -37.22 -14.39 -5.36
N LEU B 141 -37.85 -13.82 -6.39
CA LEU B 141 -38.60 -14.63 -7.35
C LEU B 141 -37.65 -15.26 -8.37
N LEU B 142 -36.57 -14.56 -8.69
CA LEU B 142 -35.56 -15.03 -9.63
C LEU B 142 -34.73 -16.14 -9.00
N ASP B 143 -34.35 -15.95 -7.74
CA ASP B 143 -33.52 -16.92 -7.02
C ASP B 143 -34.27 -17.36 -5.77
N GLN B 144 -35.08 -18.40 -5.91
CA GLN B 144 -35.88 -18.86 -4.80
C GLN B 144 -35.18 -19.67 -3.73
N GLU B 145 -34.00 -20.22 -4.03
CA GLU B 145 -33.28 -20.98 -3.02
C GLU B 145 -32.81 -19.97 -1.98
N VAL B 146 -32.39 -18.81 -2.46
CA VAL B 146 -31.95 -17.74 -1.56
C VAL B 146 -33.17 -16.95 -1.08
N GLY B 147 -34.08 -16.65 -2.00
CA GLY B 147 -35.26 -15.87 -1.68
C GLY B 147 -34.78 -14.53 -1.15
N TYR B 148 -35.00 -14.28 0.12
CA TYR B 148 -34.50 -13.06 0.72
C TYR B 148 -33.69 -13.49 1.94
N CYS B 149 -32.51 -12.90 2.10
CA CYS B 149 -31.66 -13.25 3.22
C CYS B 149 -31.26 -11.99 3.94
N GLN B 150 -31.25 -12.06 5.27
CA GLN B 150 -30.89 -10.93 6.10
C GLN B 150 -29.54 -10.34 5.67
N GLY B 151 -29.53 -9.03 5.45
CA GLY B 151 -28.33 -8.34 5.03
C GLY B 151 -28.32 -7.96 3.55
N LEU B 152 -29.03 -8.73 2.73
CA LEU B 152 -29.08 -8.47 1.30
C LEU B 152 -29.63 -7.08 0.94
N SER B 153 -30.50 -6.51 1.75
CA SER B 153 -31.07 -5.18 1.47
C SER B 153 -29.99 -4.09 1.43
N PHE B 154 -28.95 -4.25 2.23
CA PHE B 154 -27.85 -3.28 2.23
C PHE B 154 -27.10 -3.33 0.90
N VAL B 155 -26.94 -4.55 0.36
CA VAL B 155 -26.23 -4.73 -0.90
C VAL B 155 -27.06 -4.15 -2.04
N ALA B 156 -28.34 -4.52 -2.11
CA ALA B 156 -29.18 -3.98 -3.16
C ALA B 156 -29.29 -2.46 -2.97
N GLY B 157 -29.34 -2.02 -1.72
CA GLY B 157 -29.46 -0.60 -1.43
C GLY B 157 -28.28 0.21 -1.91
N ILE B 158 -27.06 -0.29 -1.68
CA ILE B 158 -25.86 0.40 -2.13
C ILE B 158 -25.90 0.49 -3.65
N LEU B 159 -26.37 -0.55 -4.32
CA LEU B 159 -26.45 -0.51 -5.77
C LEU B 159 -27.46 0.57 -6.18
N LEU B 160 -28.64 0.50 -5.58
CA LEU B 160 -29.71 1.45 -5.88
C LEU B 160 -29.27 2.92 -5.74
N LEU B 161 -28.37 3.19 -4.80
CA LEU B 161 -27.91 4.55 -4.59
C LEU B 161 -27.08 5.11 -5.76
N HIS B 162 -26.64 4.25 -6.67
CA HIS B 162 -25.80 4.69 -7.80
C HIS B 162 -26.35 4.35 -9.18
N MET B 163 -27.55 3.79 -9.20
CA MET B 163 -28.21 3.37 -10.45
C MET B 163 -29.70 3.59 -10.41
N SER B 164 -30.34 3.28 -11.53
CA SER B 164 -31.77 3.37 -11.60
C SER B 164 -32.23 2.04 -11.00
N GLU B 165 -33.51 1.97 -10.65
CA GLU B 165 -34.06 0.78 -10.03
C GLU B 165 -33.74 -0.50 -10.82
N GLU B 166 -34.12 -0.54 -12.09
CA GLU B 166 -33.86 -1.72 -12.92
C GLU B 166 -32.36 -1.95 -13.14
N GLU B 167 -31.58 -0.88 -13.25
CA GLU B 167 -30.14 -1.02 -13.44
C GLU B 167 -29.61 -1.74 -12.20
N ALA B 168 -30.10 -1.34 -11.03
CA ALA B 168 -29.68 -1.96 -9.77
C ALA B 168 -30.03 -3.44 -9.71
N PHE B 169 -31.23 -3.79 -10.19
CA PHE B 169 -31.65 -5.18 -10.19
C PHE B 169 -30.69 -6.00 -11.04
N LYS B 170 -30.39 -5.50 -12.23
CA LYS B 170 -29.48 -6.19 -13.14
C LYS B 170 -28.09 -6.37 -12.52
N MET B 171 -27.59 -5.33 -11.85
CA MET B 171 -26.29 -5.40 -11.21
C MET B 171 -26.33 -6.37 -10.02
N LEU B 172 -27.45 -6.42 -9.32
CA LEU B 172 -27.58 -7.33 -8.18
C LEU B 172 -27.47 -8.77 -8.69
N LYS B 173 -28.17 -9.04 -9.78
CA LYS B 173 -28.14 -10.38 -10.38
C LYS B 173 -26.73 -10.77 -10.82
N PHE B 174 -25.99 -9.81 -11.38
CA PHE B 174 -24.64 -10.07 -11.83
C PHE B 174 -23.69 -10.37 -10.68
N LEU B 175 -23.82 -9.61 -9.60
CA LEU B 175 -22.99 -9.79 -8.43
C LEU B 175 -23.28 -11.12 -7.72
N MET B 176 -24.56 -11.48 -7.67
CA MET B 176 -24.98 -12.71 -7.00
C MET B 176 -24.70 -13.98 -7.77
N PHE B 177 -25.04 -13.99 -9.06
CA PHE B 177 -24.82 -15.17 -9.88
C PHE B 177 -23.44 -15.22 -10.52
N ASP B 178 -23.20 -14.33 -11.48
CA ASP B 178 -21.93 -14.27 -12.19
C ASP B 178 -20.74 -14.17 -11.24
N MET B 179 -20.80 -13.25 -10.29
CA MET B 179 -19.70 -13.07 -9.35
C MET B 179 -19.76 -14.02 -8.15
N GLY B 180 -20.84 -14.79 -8.09
CA GLY B 180 -21.00 -15.77 -7.02
C GLY B 180 -21.36 -15.34 -5.60
N LEU B 181 -21.76 -14.09 -5.41
CA LEU B 181 -22.10 -13.66 -4.06
C LEU B 181 -23.32 -14.41 -3.47
N ARG B 182 -24.18 -14.94 -4.34
CA ARG B 182 -25.39 -15.63 -3.87
C ARG B 182 -25.15 -16.83 -2.96
N LYS B 183 -24.03 -17.51 -3.16
CA LYS B 183 -23.75 -18.70 -2.35
C LYS B 183 -23.76 -18.49 -0.84
N GLN B 184 -23.18 -17.40 -0.36
CA GLN B 184 -23.15 -17.15 1.08
C GLN B 184 -24.51 -16.83 1.70
N TYR B 185 -25.47 -16.47 0.85
CA TYR B 185 -26.80 -16.11 1.30
C TYR B 185 -27.75 -17.29 1.38
N ARG B 186 -27.33 -18.45 0.90
CA ARG B 186 -28.18 -19.63 0.93
C ARG B 186 -28.56 -20.01 2.36
N PRO B 187 -29.79 -20.52 2.55
CA PRO B 187 -30.39 -20.96 3.81
C PRO B 187 -29.55 -21.86 4.72
N ASP B 188 -28.95 -22.92 4.16
CA ASP B 188 -28.17 -23.84 4.98
C ASP B 188 -26.98 -23.22 5.72
N MET B 189 -26.41 -22.16 5.16
CA MET B 189 -25.28 -21.45 5.77
C MET B 189 -23.94 -22.18 5.75
N ILE B 190 -23.76 -23.09 4.80
CA ILE B 190 -22.52 -23.85 4.68
C ILE B 190 -21.37 -22.94 4.24
N ILE B 191 -21.58 -22.19 3.18
CA ILE B 191 -20.57 -21.28 2.66
C ILE B 191 -20.21 -20.23 3.71
N LEU B 192 -21.24 -19.64 4.32
CA LEU B 192 -21.02 -18.62 5.33
C LEU B 192 -20.10 -19.16 6.43
N GLN B 193 -20.34 -20.41 6.81
CA GLN B 193 -19.55 -21.07 7.83
C GLN B 193 -18.12 -21.33 7.38
N ILE B 194 -17.96 -21.67 6.10
CA ILE B 194 -16.63 -21.92 5.54
C ILE B 194 -15.87 -20.60 5.48
N GLN B 195 -16.56 -19.53 5.10
CA GLN B 195 -15.96 -18.21 5.03
C GLN B 195 -15.45 -17.82 6.41
N MET B 196 -16.16 -18.27 7.45
CA MET B 196 -15.77 -17.98 8.83
C MET B 196 -14.48 -18.73 9.17
N TYR B 197 -14.34 -19.92 8.61
CA TYR B 197 -13.17 -20.75 8.82
C TYR B 197 -11.98 -20.07 8.13
N GLN B 198 -12.21 -19.65 6.89
CA GLN B 198 -11.19 -18.99 6.10
C GLN B 198 -10.65 -17.75 6.79
N LEU B 199 -11.54 -16.90 7.29
CA LEU B 199 -11.11 -15.69 7.96
C LEU B 199 -10.25 -16.04 9.16
N SER B 200 -10.67 -17.07 9.88
CA SER B 200 -9.93 -17.50 11.06
C SER B 200 -8.53 -17.95 10.71
N ARG B 201 -8.39 -18.64 9.58
CA ARG B 201 -7.07 -19.12 9.15
C ARG B 201 -6.21 -17.98 8.61
N LEU B 202 -6.85 -16.92 8.10
CA LEU B 202 -6.12 -15.77 7.60
C LEU B 202 -5.49 -15.11 8.82
N LEU B 203 -6.25 -15.08 9.92
CA LEU B 203 -5.74 -14.48 11.15
C LEU B 203 -4.58 -15.31 11.70
N HIS B 204 -4.69 -16.64 11.64
CA HIS B 204 -3.63 -17.50 12.13
C HIS B 204 -2.36 -17.32 11.31
N ASP B 205 -2.52 -17.16 10.01
CA ASP B 205 -1.38 -16.99 9.10
C ASP B 205 -0.76 -15.59 8.99
N TYR B 206 -1.51 -14.55 9.35
CA TYR B 206 -0.98 -13.19 9.23
C TYR B 206 -0.88 -12.45 10.55
N HIS B 207 -1.71 -12.81 11.52
CA HIS B 207 -1.68 -12.15 12.81
C HIS B 207 -1.87 -13.20 13.89
N ARG B 208 -0.95 -14.15 13.89
CA ARG B 208 -0.91 -15.27 14.82
C ARG B 208 -1.18 -14.79 16.25
N ASP B 209 -0.59 -13.64 16.59
CA ASP B 209 -0.75 -13.06 17.91
C ASP B 209 -2.20 -12.68 18.23
N LEU B 210 -2.92 -12.15 17.24
CA LEU B 210 -4.32 -11.79 17.46
C LEU B 210 -5.13 -13.09 17.52
N TYR B 211 -4.77 -14.02 16.63
CA TYR B 211 -5.44 -15.31 16.56
C TYR B 211 -5.45 -15.96 17.94
N ASN B 212 -4.31 -15.93 18.62
CA ASN B 212 -4.16 -16.52 19.94
C ASN B 212 -4.96 -15.81 21.02
N HIS B 213 -5.02 -14.50 20.97
CA HIS B 213 -5.80 -13.78 21.98
C HIS B 213 -7.26 -14.16 21.80
N LEU B 214 -7.69 -14.32 20.54
CA LEU B 214 -9.07 -14.69 20.24
C LEU B 214 -9.32 -16.14 20.63
N GLU B 215 -8.36 -17.00 20.30
CA GLU B 215 -8.43 -18.42 20.61
C GLU B 215 -8.71 -18.61 22.11
N GLU B 216 -7.85 -18.02 22.93
CA GLU B 216 -7.97 -18.11 24.38
C GLU B 216 -9.31 -17.69 24.96
N HIS B 217 -9.93 -16.69 24.35
CA HIS B 217 -11.20 -16.21 24.86
C HIS B 217 -12.41 -16.64 24.02
N GLU B 218 -12.22 -17.76 23.33
CA GLU B 218 -13.25 -18.39 22.51
C GLU B 218 -14.08 -17.44 21.65
N ILE B 219 -13.40 -16.63 20.86
CA ILE B 219 -14.06 -15.68 19.98
C ILE B 219 -13.83 -16.08 18.53
N GLY B 220 -14.80 -16.79 17.96
CA GLY B 220 -14.70 -17.20 16.58
C GLY B 220 -15.26 -16.08 15.73
N PRO B 221 -14.94 -16.03 14.43
CA PRO B 221 -15.45 -14.96 13.57
C PRO B 221 -16.98 -14.80 13.61
N SER B 222 -17.70 -15.90 13.84
CA SER B 222 -19.15 -15.86 13.87
C SER B 222 -19.73 -14.84 14.84
N LEU B 223 -18.97 -14.47 15.87
CA LEU B 223 -19.45 -13.50 16.82
C LEU B 223 -19.39 -12.05 16.34
N TYR B 224 -18.71 -11.80 15.21
CA TYR B 224 -18.60 -10.43 14.72
C TYR B 224 -18.54 -10.23 13.20
N ALA B 225 -18.11 -11.26 12.47
CA ALA B 225 -17.98 -11.13 11.02
C ALA B 225 -19.22 -11.35 10.17
N ALA B 226 -20.32 -11.82 10.77
CA ALA B 226 -21.54 -12.07 10.02
C ALA B 226 -22.03 -10.86 9.21
N PRO B 227 -22.22 -9.71 9.87
CA PRO B 227 -22.69 -8.52 9.15
C PRO B 227 -21.70 -8.09 8.06
N TRP B 228 -20.42 -8.26 8.35
CA TRP B 228 -19.37 -7.89 7.41
C TRP B 228 -19.55 -8.59 6.06
N PHE B 229 -19.75 -9.91 6.10
CA PHE B 229 -19.95 -10.68 4.89
C PHE B 229 -21.34 -10.48 4.30
N LEU B 230 -22.36 -10.57 5.14
CA LEU B 230 -23.75 -10.46 4.67
C LEU B 230 -24.21 -9.07 4.23
N THR B 231 -23.74 -8.02 4.89
CA THR B 231 -24.12 -6.67 4.46
C THR B 231 -22.98 -6.01 3.69
N MET B 232 -21.89 -6.73 3.50
CA MET B 232 -20.74 -6.17 2.78
C MET B 232 -20.26 -4.88 3.47
N PHE B 233 -20.20 -4.90 4.79
CA PHE B 233 -19.76 -3.76 5.57
C PHE B 233 -20.70 -2.56 5.61
N ALA B 234 -21.74 -2.61 4.79
CA ALA B 234 -22.71 -1.51 4.67
C ALA B 234 -23.53 -1.18 5.91
N SER B 235 -23.73 -2.15 6.78
CA SER B 235 -24.56 -1.92 7.95
C SER B 235 -23.87 -1.24 9.13
N GLN B 236 -22.54 -1.28 9.15
CA GLN B 236 -21.81 -0.68 10.27
C GLN B 236 -20.78 0.40 9.88
N PHE B 237 -20.27 0.32 8.66
CA PHE B 237 -19.24 1.26 8.22
C PHE B 237 -19.74 2.45 7.41
N PRO B 238 -18.97 3.55 7.41
CA PRO B 238 -19.34 4.76 6.66
C PRO B 238 -19.57 4.43 5.20
N LEU B 239 -20.63 5.02 4.66
CA LEU B 239 -21.04 4.82 3.28
C LEU B 239 -19.90 5.10 2.29
N GLY B 240 -19.11 6.12 2.59
CA GLY B 240 -18.00 6.45 1.71
C GLY B 240 -16.98 5.32 1.64
N PHE B 241 -16.74 4.66 2.77
CA PHE B 241 -15.81 3.54 2.85
C PHE B 241 -16.37 2.36 2.04
N VAL B 242 -17.61 1.99 2.34
CA VAL B 242 -18.29 0.89 1.67
C VAL B 242 -18.28 1.06 0.14
N ALA B 243 -18.45 2.30 -0.33
CA ALA B 243 -18.46 2.55 -1.78
C ALA B 243 -17.13 2.14 -2.41
N ARG B 244 -16.04 2.44 -1.71
CA ARG B 244 -14.70 2.10 -2.21
C ARG B 244 -14.56 0.58 -2.26
N VAL B 245 -15.04 -0.09 -1.22
CA VAL B 245 -14.98 -1.55 -1.15
C VAL B 245 -15.68 -2.14 -2.37
N PHE B 246 -16.82 -1.56 -2.74
CA PHE B 246 -17.58 -2.04 -3.88
C PHE B 246 -16.83 -1.78 -5.20
N ASP B 247 -16.11 -0.67 -5.28
CA ASP B 247 -15.34 -0.38 -6.49
C ASP B 247 -14.37 -1.53 -6.63
N MET B 248 -13.69 -1.86 -5.54
CA MET B 248 -12.72 -2.93 -5.55
C MET B 248 -13.35 -4.30 -5.79
N ILE B 249 -14.53 -4.53 -5.21
CA ILE B 249 -15.20 -5.81 -5.40
C ILE B 249 -15.53 -6.02 -6.87
N PHE B 250 -16.06 -5.00 -7.52
CA PHE B 250 -16.42 -5.14 -8.93
C PHE B 250 -15.19 -5.32 -9.83
N LEU B 251 -14.05 -4.85 -9.35
CA LEU B 251 -12.81 -5.00 -10.12
C LEU B 251 -12.12 -6.33 -9.78
N GLN B 252 -11.91 -6.58 -8.49
CA GLN B 252 -11.18 -7.77 -8.03
C GLN B 252 -11.97 -8.97 -7.50
N GLY B 253 -13.30 -8.92 -7.54
CA GLY B 253 -14.06 -10.06 -7.05
C GLY B 253 -14.55 -9.90 -5.62
N THR B 254 -15.44 -10.79 -5.20
CA THR B 254 -16.01 -10.73 -3.86
C THR B 254 -15.04 -11.02 -2.71
N GLU B 255 -13.94 -11.72 -3.00
CA GLU B 255 -12.99 -12.03 -1.95
C GLU B 255 -12.39 -10.79 -1.29
N VAL B 256 -12.61 -9.63 -1.91
CA VAL B 256 -12.15 -8.37 -1.34
C VAL B 256 -12.70 -8.22 0.09
N ILE B 257 -13.82 -8.88 0.37
CA ILE B 257 -14.43 -8.82 1.71
C ILE B 257 -13.45 -9.38 2.74
N PHE B 258 -12.81 -10.49 2.39
CA PHE B 258 -11.82 -11.13 3.26
C PHE B 258 -10.67 -10.17 3.52
N LYS B 259 -10.22 -9.51 2.47
CA LYS B 259 -9.12 -8.54 2.56
C LYS B 259 -9.48 -7.43 3.55
N VAL B 260 -10.67 -6.85 3.38
CA VAL B 260 -11.11 -5.78 4.29
C VAL B 260 -11.18 -6.28 5.74
N ALA B 261 -11.72 -7.49 5.93
CA ALA B 261 -11.83 -8.04 7.27
C ALA B 261 -10.44 -8.22 7.88
N LEU B 262 -9.52 -8.75 7.07
CA LEU B 262 -8.17 -8.98 7.51
C LEU B 262 -7.44 -7.67 7.86
N SER B 263 -7.49 -6.68 6.96
CA SER B 263 -6.82 -5.39 7.23
C SER B 263 -7.34 -4.77 8.52
N LEU B 264 -8.66 -4.71 8.65
CA LEU B 264 -9.29 -4.12 9.83
C LEU B 264 -8.90 -4.80 11.13
N LEU B 265 -8.93 -6.12 11.15
CA LEU B 265 -8.58 -6.87 12.36
C LEU B 265 -7.10 -6.69 12.69
N GLY B 266 -6.26 -6.67 11.65
CA GLY B 266 -4.83 -6.50 11.86
C GLY B 266 -4.46 -5.13 12.37
N SER B 267 -4.96 -4.08 11.72
CA SER B 267 -4.65 -2.71 12.10
C SER B 267 -5.21 -2.31 13.45
N HIS B 268 -6.23 -3.03 13.91
CA HIS B 268 -6.83 -2.72 15.21
C HIS B 268 -6.40 -3.70 16.29
N LYS B 269 -5.53 -4.65 15.93
CA LYS B 269 -5.11 -5.65 16.91
C LYS B 269 -4.40 -5.12 18.15
N PRO B 270 -3.62 -4.03 18.04
CA PRO B 270 -2.98 -3.58 19.27
C PRO B 270 -4.06 -3.20 20.28
N LEU B 271 -5.15 -2.63 19.78
CA LEU B 271 -6.26 -2.23 20.63
C LEU B 271 -7.09 -3.43 21.07
N ILE B 272 -7.26 -4.40 20.18
CA ILE B 272 -8.03 -5.59 20.51
C ILE B 272 -7.25 -6.41 21.54
N LEU B 273 -5.94 -6.53 21.33
CA LEU B 273 -5.09 -7.28 22.25
C LEU B 273 -5.23 -6.76 23.68
N GLN B 274 -5.58 -5.49 23.83
CA GLN B 274 -5.73 -4.87 25.14
C GLN B 274 -6.99 -5.27 25.93
N HIS B 275 -7.96 -5.89 25.28
CA HIS B 275 -9.19 -6.29 25.97
C HIS B 275 -9.09 -7.70 26.53
N GLU B 276 -9.83 -8.00 27.59
CA GLU B 276 -9.72 -9.31 28.22
C GLU B 276 -10.92 -10.27 28.34
N ASN B 277 -12.14 -9.80 28.07
CA ASN B 277 -13.31 -10.67 28.14
C ASN B 277 -13.79 -10.95 26.72
N LEU B 278 -14.76 -11.85 26.59
CA LEU B 278 -15.35 -12.12 25.29
C LEU B 278 -16.21 -10.89 25.07
N GLU B 279 -16.75 -10.41 26.20
CA GLU B 279 -17.59 -9.23 26.26
C GLU B 279 -16.93 -7.99 25.65
N THR B 280 -15.80 -7.58 26.22
CA THR B 280 -15.09 -6.39 25.76
C THR B 280 -14.46 -6.52 24.38
N ILE B 281 -13.90 -7.69 24.06
CA ILE B 281 -13.29 -7.89 22.75
C ILE B 281 -14.33 -7.83 21.64
N VAL B 282 -15.40 -8.60 21.80
CA VAL B 282 -16.49 -8.63 20.83
C VAL B 282 -17.11 -7.24 20.68
N ASP B 283 -17.36 -6.57 21.79
CA ASP B 283 -17.96 -5.22 21.75
C ASP B 283 -17.04 -4.21 21.06
N PHE B 284 -15.73 -4.31 21.30
CA PHE B 284 -14.79 -3.40 20.66
C PHE B 284 -14.86 -3.58 19.15
N ILE B 285 -14.81 -4.83 18.70
CA ILE B 285 -14.83 -5.16 17.29
C ILE B 285 -16.09 -4.69 16.55
N LYS B 286 -17.26 -4.79 17.18
CA LYS B 286 -18.47 -4.38 16.50
C LYS B 286 -18.94 -2.95 16.74
N SER B 287 -18.54 -2.35 17.86
CA SER B 287 -18.96 -0.99 18.15
C SER B 287 -17.89 0.10 18.02
N THR B 288 -16.63 -0.24 18.26
CA THR B 288 -15.57 0.77 18.17
C THR B 288 -14.84 0.73 16.82
N LEU B 289 -14.40 -0.45 16.42
CA LEU B 289 -13.68 -0.63 15.16
C LEU B 289 -14.33 0.09 13.97
N PRO B 290 -15.64 -0.06 13.76
CA PRO B 290 -16.31 0.60 12.63
C PRO B 290 -16.18 2.12 12.61
N ASN B 291 -15.94 2.72 13.78
CA ASN B 291 -15.78 4.16 13.88
C ASN B 291 -14.39 4.51 13.34
N LEU B 292 -14.24 4.39 12.03
CA LEU B 292 -12.97 4.66 11.35
C LEU B 292 -12.77 6.13 11.01
N GLY B 293 -11.53 6.58 11.15
CA GLY B 293 -11.21 7.96 10.83
C GLY B 293 -10.94 8.03 9.33
N LEU B 294 -11.03 9.24 8.77
CA LEU B 294 -10.81 9.45 7.35
C LEU B 294 -9.50 8.91 6.77
N VAL B 295 -8.38 9.23 7.40
CA VAL B 295 -7.10 8.76 6.91
C VAL B 295 -6.97 7.25 7.16
N GLN B 296 -7.49 6.78 8.28
CA GLN B 296 -7.47 5.35 8.61
C GLN B 296 -8.15 4.61 7.47
N MET B 297 -9.29 5.14 7.04
CA MET B 297 -10.07 4.55 5.96
C MET B 297 -9.34 4.55 4.62
N GLU B 298 -8.68 5.66 4.30
CA GLU B 298 -7.96 5.73 3.03
C GLU B 298 -6.81 4.75 3.00
N LYS B 299 -6.14 4.57 4.15
CA LYS B 299 -5.03 3.65 4.25
C LYS B 299 -5.50 2.20 4.15
N THR B 300 -6.62 1.90 4.80
CA THR B 300 -7.20 0.55 4.76
C THR B 300 -7.47 0.20 3.30
N ILE B 301 -8.16 1.10 2.61
CA ILE B 301 -8.50 0.89 1.21
C ILE B 301 -7.28 0.61 0.34
N ASN B 302 -6.26 1.45 0.47
CA ASN B 302 -5.04 1.27 -0.31
C ASN B 302 -4.38 -0.08 -0.06
N GLN B 303 -4.35 -0.49 1.21
CA GLN B 303 -3.76 -1.77 1.57
C GLN B 303 -4.54 -2.94 1.00
N VAL B 304 -5.86 -2.91 1.17
CA VAL B 304 -6.75 -3.96 0.67
C VAL B 304 -6.56 -4.14 -0.83
N PHE B 305 -6.44 -3.03 -1.53
CA PHE B 305 -6.28 -3.02 -2.98
C PHE B 305 -5.04 -3.78 -3.46
N GLU B 306 -3.99 -3.80 -2.64
CA GLU B 306 -2.75 -4.48 -2.99
C GLU B 306 -2.70 -5.95 -2.59
N MET B 307 -3.39 -6.30 -1.51
CA MET B 307 -3.41 -7.67 -1.01
C MET B 307 -3.72 -8.74 -2.04
N ASP B 308 -3.12 -9.91 -1.85
CA ASP B 308 -3.35 -11.05 -2.73
C ASP B 308 -3.37 -12.27 -1.81
N ILE B 309 -4.56 -12.79 -1.56
CA ILE B 309 -4.73 -13.94 -0.67
C ILE B 309 -5.55 -15.03 -1.31
N ALA B 310 -5.71 -14.97 -2.63
CA ALA B 310 -6.51 -15.94 -3.35
C ALA B 310 -6.10 -17.41 -3.15
N LYS B 311 -4.81 -17.71 -3.22
CA LYS B 311 -4.35 -19.09 -3.05
C LYS B 311 -4.55 -19.60 -1.61
N GLN B 312 -4.44 -18.70 -0.63
CA GLN B 312 -4.65 -19.09 0.77
C GLN B 312 -6.12 -19.48 0.96
N LEU B 313 -7.01 -18.60 0.51
CA LEU B 313 -8.44 -18.83 0.62
C LEU B 313 -8.77 -20.17 -0.03
N GLN B 314 -8.21 -20.39 -1.22
CA GLN B 314 -8.43 -21.64 -1.95
C GLN B 314 -7.96 -22.82 -1.11
N ALA B 315 -6.80 -22.67 -0.50
CA ALA B 315 -6.22 -23.71 0.34
C ALA B 315 -7.04 -23.96 1.61
N TYR B 316 -7.51 -22.88 2.22
CA TYR B 316 -8.31 -23.02 3.44
C TYR B 316 -9.60 -23.78 3.12
N GLU B 317 -10.15 -23.54 1.93
CA GLU B 317 -11.38 -24.21 1.53
C GLU B 317 -11.15 -25.72 1.43
N VAL B 318 -10.05 -26.11 0.79
CA VAL B 318 -9.71 -27.52 0.64
C VAL B 318 -9.58 -28.15 2.01
N GLU B 319 -8.94 -27.41 2.92
CA GLU B 319 -8.74 -27.87 4.28
C GLU B 319 -10.04 -28.08 5.03
N TYR B 320 -10.98 -27.16 4.87
CA TYR B 320 -12.27 -27.27 5.56
C TYR B 320 -12.93 -28.59 5.18
N HIS B 321 -12.90 -28.92 3.89
CA HIS B 321 -13.51 -30.15 3.41
C HIS B 321 -12.79 -31.44 3.84
N VAL B 322 -11.49 -31.33 4.10
CA VAL B 322 -10.74 -32.49 4.57
C VAL B 322 -11.04 -32.64 6.05
N LEU B 323 -11.10 -31.50 6.73
CA LEU B 323 -11.39 -31.47 8.15
C LEU B 323 -12.81 -31.92 8.40
N GLN B 324 -13.67 -31.76 7.40
CA GLN B 324 -15.03 -32.19 7.61
C GLN B 324 -15.26 -33.61 7.14
N GLU B 325 -14.43 -34.11 6.24
CA GLU B 325 -14.67 -35.47 5.86
C GLU B 325 -14.46 -36.28 7.14
N GLU B 326 -13.28 -36.23 7.76
CA GLU B 326 -13.16 -36.94 9.03
C GLU B 326 -14.04 -36.21 10.03
#